data_4X7Z
#
_entry.id   4X7Z
#
_cell.length_a   50.354
_cell.length_b   92.516
_cell.length_c   127.798
_cell.angle_alpha   90.00
_cell.angle_beta   90.00
_cell.angle_gamma   90.00
#
_symmetry.space_group_name_H-M   'P 21 21 21'
#
loop_
_entity.id
_entity.type
_entity.pdbx_description
1 polymer "Mycinamicin III 3''-O-methyltransferase"
2 non-polymer S-ADENOSYL-L-HOMOCYSTEINE
3 non-polymer 'MAGNESIUM ION'
4 non-polymer 'MYCINAMICIN III'
5 non-polymer 'DIMETHYL SULFOXIDE'
6 water water
#
_entity_poly.entity_id   1
_entity_poly.type   'polypeptide(L)'
_entity_poly.pdbx_seq_one_letter_code
;MGSSHHHHHHSSGLVPRGSHMSPSTGVELYLDLLKRTVSNFIYQDATHVAGLITQAAFVEEARESGEDYPTVAHTAIGMK
RLNNLQHCVESALRDGVPGDVLETGVWRGGACIFARGILKAYDVRDRTVWVADSFQGFPKITDDDHPMDAEMNLHQYNAA
VDLPTSLATVQRNFSRYGLLDDQVRFLPGWFKDTMPTAPFERLAVLRMDGDSYGATMDVLTHAYPRLSPGGFAIIDDYCI
PACREAVHEYRDRHGISDEIVEIDRQGVYWRRSA
;
_entity_poly.pdbx_strand_id   A,B
#
loop_
_chem_comp.id
_chem_comp.type
_chem_comp.name
_chem_comp.formula
DMS non-polymer 'DIMETHYL SULFOXIDE' 'C2 H6 O S'
MG non-polymer 'MAGNESIUM ION' 'Mg 2'
ZM3 non-polymer 'MYCINAMICIN III' 'C36 H59 N O11'
#
# COMPACT_ATOMS: atom_id res chain seq x y z
N SER A 24 10.22 -11.22 -7.42
CA SER A 24 10.58 -12.45 -6.64
C SER A 24 11.61 -12.16 -5.51
N THR A 25 12.58 -11.27 -5.72
CA THR A 25 13.48 -10.86 -4.62
C THR A 25 12.75 -9.87 -3.72
N GLY A 26 13.27 -9.67 -2.51
CA GLY A 26 12.69 -8.67 -1.60
C GLY A 26 12.61 -7.27 -2.21
N VAL A 27 13.69 -6.84 -2.86
CA VAL A 27 13.69 -5.53 -3.55
C VAL A 27 12.59 -5.45 -4.61
N GLU A 28 12.49 -6.46 -5.46
CA GLU A 28 11.50 -6.47 -6.52
C GLU A 28 10.08 -6.43 -5.94
N LEU A 29 9.84 -7.21 -4.89
CA LEU A 29 8.54 -7.21 -4.22
C LEU A 29 8.18 -5.89 -3.59
N TYR A 30 9.16 -5.28 -2.91
CA TYR A 30 8.96 -3.97 -2.30
C TYR A 30 8.62 -2.91 -3.34
N LEU A 31 9.42 -2.81 -4.39
CA LEU A 31 9.19 -1.74 -5.39
C LEU A 31 7.90 -1.96 -6.17
N ASP A 32 7.57 -3.22 -6.46
CA ASP A 32 6.29 -3.50 -7.07
C ASP A 32 5.10 -3.09 -6.20
N LEU A 33 5.17 -3.43 -4.91
CA LEU A 33 4.11 -3.04 -3.99
C LEU A 33 4.04 -1.52 -3.83
N LEU A 34 5.20 -0.87 -3.78
CA LEU A 34 5.22 0.57 -3.60
C LEU A 34 4.53 1.27 -4.79
N LYS A 35 4.76 0.79 -6.01
CA LYS A 35 4.04 1.32 -7.15
C LYS A 35 2.52 1.13 -7.06
N ARG A 36 2.09 -0.08 -6.66
CA ARG A 36 0.66 -0.37 -6.54
C ARG A 36 0.03 0.47 -5.45
N THR A 37 0.84 0.82 -4.44
CA THR A 37 0.34 1.57 -3.30
C THR A 37 0.25 3.07 -3.58
N VAL A 38 1.30 3.69 -4.10
CA VAL A 38 1.24 5.13 -4.39
C VAL A 38 0.19 5.46 -5.46
N SER A 39 -0.05 4.54 -6.39
CA SER A 39 -1.11 4.72 -7.40
C SER A 39 -2.47 4.24 -6.93
N ASN A 40 -2.49 3.62 -5.75
CA ASN A 40 -3.69 3.04 -5.14
C ASN A 40 -4.46 2.05 -6.05
N PHE A 41 -3.70 1.18 -6.70
CA PHE A 41 -4.29 -0.02 -7.27
C PHE A 41 -4.83 -0.96 -6.19
N ILE A 42 -4.37 -0.77 -4.94
CA ILE A 42 -4.79 -1.62 -3.84
C ILE A 42 -6.26 -1.39 -3.47
N TYR A 43 -6.63 -0.13 -3.24
CA TYR A 43 -7.97 0.21 -2.80
C TYR A 43 -8.87 0.87 -3.87
N GLN A 44 -8.24 1.33 -4.95
CA GLN A 44 -8.98 1.72 -6.17
C GLN A 44 -9.98 2.85 -5.92
N ASP A 45 -9.43 3.98 -5.50
CA ASP A 45 -10.23 5.18 -5.26
C ASP A 45 -10.83 5.75 -6.55
N ALA A 46 -12.02 6.33 -6.39
CA ALA A 46 -12.68 7.10 -7.42
C ALA A 46 -11.80 8.22 -7.96
N THR A 47 -12.11 8.64 -9.18
CA THR A 47 -11.50 9.80 -9.79
C THR A 47 -12.44 11.01 -9.66
N HIS A 48 -11.85 12.20 -9.61
CA HIS A 48 -12.61 13.42 -9.85
C HIS A 48 -13.09 13.44 -11.29
N VAL A 49 -14.22 14.11 -11.49
CA VAL A 49 -14.81 14.26 -12.82
C VAL A 49 -14.40 15.63 -13.32
N ALA A 50 -13.54 15.63 -14.34
CA ALA A 50 -12.92 16.84 -14.88
C ALA A 50 -12.25 16.50 -16.19
N GLY A 51 -11.97 17.51 -17.00
CA GLY A 51 -11.35 17.31 -18.32
C GLY A 51 -12.17 16.34 -19.15
N LEU A 52 -11.53 15.29 -19.65
CA LEU A 52 -12.22 14.27 -20.44
C LEU A 52 -12.72 13.08 -19.62
N ILE A 53 -12.56 13.12 -18.30
CA ILE A 53 -13.10 12.10 -17.40
C ILE A 53 -14.54 12.50 -17.00
N THR A 54 -15.53 11.72 -17.42
CA THR A 54 -16.95 12.10 -17.25
C THR A 54 -17.67 11.32 -16.16
N GLN A 55 -17.01 10.31 -15.59
CA GLN A 55 -17.58 9.49 -14.52
C GLN A 55 -16.58 9.31 -13.38
N ALA A 56 -17.07 9.12 -12.16
CA ALA A 56 -16.19 8.98 -10.98
C ALA A 56 -15.56 7.60 -10.80
N ALA A 57 -16.16 6.57 -11.39
CA ALA A 57 -15.71 5.21 -11.14
C ALA A 57 -14.24 4.99 -11.45
N PHE A 58 -13.57 4.25 -10.56
CA PHE A 58 -12.24 3.72 -10.86
C PHE A 58 -12.30 2.87 -12.12
N VAL A 59 -11.42 3.17 -13.07
CA VAL A 59 -11.25 2.37 -14.28
C VAL A 59 -9.78 1.90 -14.33
N GLU A 60 -9.57 0.58 -14.37
CA GLU A 60 -8.22 0.01 -14.31
C GLU A 60 -7.31 0.57 -15.37
N GLU A 61 -7.81 0.64 -16.61
CA GLU A 61 -6.99 1.06 -17.73
C GLU A 61 -6.57 2.52 -17.59
N ALA A 62 -7.44 3.34 -17.02
CA ALA A 62 -7.14 4.75 -16.81
C ALA A 62 -6.06 4.92 -15.72
N ARG A 63 -6.16 4.16 -14.63
CA ARG A 63 -5.11 4.26 -13.59
C ARG A 63 -3.77 3.64 -14.05
N GLU A 64 -3.84 2.57 -14.84
CA GLU A 64 -2.63 1.97 -15.36
C GLU A 64 -1.79 2.93 -16.21
N SER A 65 -2.49 3.77 -16.99
CA SER A 65 -1.81 4.71 -17.87
C SER A 65 -1.82 6.13 -17.31
N GLY A 66 -2.25 6.33 -16.06
CA GLY A 66 -2.15 7.66 -15.40
C GLY A 66 -3.03 8.73 -15.98
N GLU A 67 -4.26 8.37 -16.35
CA GLU A 67 -5.10 9.29 -17.12
C GLU A 67 -6.19 9.96 -16.32
N ASP A 68 -6.43 9.47 -15.11
CA ASP A 68 -7.50 10.01 -14.26
C ASP A 68 -6.96 10.96 -13.17
N TYR A 69 -7.84 11.35 -12.27
CA TYR A 69 -7.57 12.40 -11.27
C TYR A 69 -7.94 11.84 -9.92
N PRO A 70 -7.02 11.06 -9.33
CA PRO A 70 -7.42 10.30 -8.16
C PRO A 70 -7.93 11.16 -7.00
N THR A 71 -9.01 10.71 -6.36
CA THR A 71 -9.52 11.41 -5.19
C THR A 71 -8.63 11.25 -3.95
N VAL A 72 -7.90 10.12 -3.89
CA VAL A 72 -7.10 9.73 -2.71
C VAL A 72 -5.64 9.37 -3.04
N ALA A 73 -5.39 8.72 -4.18
CA ALA A 73 -4.06 8.19 -4.45
C ALA A 73 -2.98 9.26 -4.36
N HIS A 74 -1.79 8.86 -3.92
CA HIS A 74 -0.69 9.80 -3.78
C HIS A 74 0.02 10.23 -5.07
N THR A 75 -0.16 9.49 -6.17
CA THR A 75 0.30 9.95 -7.47
C THR A 75 -0.79 9.73 -8.50
N ALA A 76 -0.78 10.60 -9.52
CA ALA A 76 -1.64 10.52 -10.69
C ALA A 76 -0.89 10.00 -11.90
N ILE A 77 0.40 9.68 -11.79
CA ILE A 77 1.18 9.37 -13.02
C ILE A 77 0.92 8.00 -13.58
N GLY A 78 0.31 7.12 -12.79
CA GLY A 78 -0.01 5.78 -13.26
C GLY A 78 1.15 4.80 -13.31
N MET A 79 0.81 3.52 -13.58
N MET A 79 0.82 3.53 -13.57
CA MET A 79 1.80 2.45 -13.55
CA MET A 79 1.80 2.46 -13.55
C MET A 79 2.86 2.55 -14.66
C MET A 79 2.86 2.54 -14.66
N LYS A 80 2.47 2.93 -15.87
CA LYS A 80 3.47 3.01 -16.95
C LYS A 80 4.57 4.07 -16.67
N ARG A 81 4.15 5.22 -16.17
CA ARG A 81 5.12 6.25 -15.78
C ARG A 81 5.85 5.95 -14.48
N LEU A 82 5.23 5.23 -13.55
CA LEU A 82 6.01 4.75 -12.39
C LEU A 82 7.09 3.76 -12.85
N ASN A 83 6.73 2.84 -13.75
CA ASN A 83 7.71 1.90 -14.29
C ASN A 83 8.84 2.64 -15.00
N ASN A 84 8.51 3.71 -15.74
CA ASN A 84 9.55 4.50 -16.40
C ASN A 84 10.45 5.15 -15.37
N LEU A 85 9.88 5.72 -14.32
CA LEU A 85 10.69 6.35 -13.28
C LEU A 85 11.65 5.33 -12.65
N GLN A 86 11.16 4.12 -12.39
CA GLN A 86 12.00 3.07 -11.88
C GLN A 86 13.16 2.73 -12.83
N HIS A 87 12.84 2.61 -14.10
CA HIS A 87 13.85 2.30 -15.12
C HIS A 87 14.95 3.36 -15.14
N CYS A 88 14.54 4.62 -15.10
CA CYS A 88 15.50 5.72 -15.16
C CYS A 88 16.39 5.74 -13.92
N VAL A 89 15.81 5.63 -12.73
CA VAL A 89 16.61 5.64 -11.51
C VAL A 89 17.53 4.42 -11.43
N GLU A 90 16.99 3.22 -11.69
CA GLU A 90 17.82 2.02 -11.67
C GLU A 90 18.96 2.07 -12.71
N SER A 91 18.67 2.58 -13.89
CA SER A 91 19.71 2.71 -14.91
C SER A 91 20.82 3.66 -14.48
N ALA A 92 20.44 4.78 -13.87
CA ALA A 92 21.42 5.73 -13.39
C ALA A 92 22.30 5.10 -12.29
N LEU A 93 21.68 4.35 -11.38
CA LEU A 93 22.43 3.66 -10.33
C LEU A 93 23.37 2.62 -10.93
N ARG A 94 22.85 1.79 -11.82
CA ARG A 94 23.64 0.75 -12.48
C ARG A 94 24.83 1.29 -13.24
N ASP A 95 24.63 2.38 -13.98
CA ASP A 95 25.63 2.93 -14.87
C ASP A 95 26.55 3.94 -14.17
N GLY A 96 26.30 4.22 -12.90
CA GLY A 96 27.12 5.18 -12.16
C GLY A 96 26.97 6.61 -12.63
N VAL A 97 25.78 6.96 -13.11
CA VAL A 97 25.50 8.34 -13.49
C VAL A 97 25.34 9.14 -12.19
N PRO A 98 26.18 10.17 -11.97
CA PRO A 98 26.10 10.90 -10.71
C PRO A 98 24.89 11.81 -10.59
N GLY A 99 24.43 12.01 -9.36
CA GLY A 99 23.48 13.04 -9.06
C GLY A 99 22.19 12.58 -8.39
N ASP A 100 21.38 13.60 -8.11
CA ASP A 100 20.16 13.45 -7.34
C ASP A 100 18.95 13.23 -8.26
N VAL A 101 17.78 13.07 -7.66
CA VAL A 101 16.50 12.99 -8.39
C VAL A 101 15.69 14.22 -8.04
N LEU A 102 15.20 14.94 -9.04
CA LEU A 102 14.32 16.09 -8.84
C LEU A 102 13.02 15.88 -9.61
N GLU A 103 11.89 16.07 -8.92
CA GLU A 103 10.59 16.19 -9.59
C GLU A 103 10.06 17.59 -9.46
N THR A 104 9.71 18.21 -10.58
CA THR A 104 9.12 19.54 -10.57
C THR A 104 7.61 19.40 -10.86
N GLY A 105 6.81 19.49 -9.80
CA GLY A 105 5.35 19.31 -9.88
C GLY A 105 5.06 17.96 -9.28
N VAL A 106 4.70 17.95 -7.99
CA VAL A 106 4.64 16.70 -7.24
C VAL A 106 3.23 16.33 -6.74
N TRP A 107 2.29 17.28 -6.75
CA TRP A 107 0.94 17.05 -6.23
C TRP A 107 1.01 16.46 -4.81
N ARG A 108 0.49 15.25 -4.59
CA ARG A 108 0.47 14.68 -3.23
C ARG A 108 1.78 13.97 -2.88
N GLY A 109 2.70 13.87 -3.83
CA GLY A 109 4.06 13.43 -3.55
C GLY A 109 4.41 12.01 -3.92
N GLY A 110 3.44 11.26 -4.44
CA GLY A 110 3.63 9.83 -4.66
C GLY A 110 4.76 9.39 -5.58
N ALA A 111 5.03 10.14 -6.64
CA ALA A 111 6.15 9.80 -7.50
C ALA A 111 7.49 10.00 -6.78
N CYS A 112 7.56 11.06 -5.97
CA CYS A 112 8.77 11.33 -5.18
C CYS A 112 8.94 10.33 -4.04
N ILE A 113 7.82 9.92 -3.44
CA ILE A 113 7.86 8.86 -2.44
C ILE A 113 8.41 7.59 -3.08
N PHE A 114 7.92 7.26 -4.27
CA PHE A 114 8.45 6.10 -4.98
C PHE A 114 9.96 6.21 -5.27
N ALA A 115 10.38 7.38 -5.77
CA ALA A 115 11.81 7.59 -6.01
C ALA A 115 12.65 7.40 -4.75
N ARG A 116 12.20 7.93 -3.62
CA ARG A 116 12.92 7.74 -2.36
C ARG A 116 12.96 6.26 -1.98
N GLY A 117 11.86 5.56 -2.23
CA GLY A 117 11.80 4.12 -2.00
C GLY A 117 12.78 3.30 -2.85
N ILE A 118 13.01 3.71 -4.10
CA ILE A 118 13.99 3.03 -4.94
C ILE A 118 15.36 3.17 -4.29
N LEU A 119 15.73 4.39 -3.92
CA LEU A 119 17.03 4.58 -3.26
C LEU A 119 17.11 3.76 -1.97
N LYS A 120 16.02 3.72 -1.20
CA LYS A 120 15.98 2.94 0.03
C LYS A 120 16.19 1.44 -0.24
N ALA A 121 15.52 0.91 -1.26
CA ALA A 121 15.63 -0.50 -1.61
C ALA A 121 17.06 -0.94 -1.92
N TYR A 122 17.83 -0.05 -2.54
CA TYR A 122 19.22 -0.35 -2.90
C TYR A 122 20.25 0.17 -1.87
N ASP A 123 19.77 0.67 -0.73
CA ASP A 123 20.59 1.21 0.33
C ASP A 123 21.56 2.26 -0.20
N VAL A 124 21.03 3.14 -1.05
CA VAL A 124 21.78 4.29 -1.52
C VAL A 124 21.66 5.43 -0.52
N ARG A 125 22.80 5.86 0.00
CA ARG A 125 22.83 6.86 1.07
C ARG A 125 23.39 8.20 0.63
N ASP A 126 23.83 8.29 -0.62
CA ASP A 126 24.53 9.48 -1.10
C ASP A 126 23.80 10.18 -2.25
N ARG A 127 22.50 9.96 -2.34
CA ARG A 127 21.66 10.71 -3.29
C ARG A 127 20.39 11.18 -2.58
N THR A 128 19.86 12.31 -3.06
CA THR A 128 18.71 12.98 -2.48
C THR A 128 17.57 13.04 -3.50
N VAL A 129 16.33 12.94 -3.02
CA VAL A 129 15.15 13.25 -3.77
C VAL A 129 14.70 14.67 -3.43
N TRP A 130 14.67 15.53 -4.45
CA TRP A 130 14.22 16.90 -4.34
C TRP A 130 12.78 17.03 -4.83
N VAL A 131 11.97 17.66 -3.99
CA VAL A 131 10.52 17.69 -4.14
C VAL A 131 10.11 19.15 -4.33
N ALA A 132 9.87 19.54 -5.58
CA ALA A 132 9.64 20.95 -5.93
C ALA A 132 8.21 21.19 -6.37
N ASP A 133 7.56 22.19 -5.76
CA ASP A 133 6.19 22.54 -6.07
C ASP A 133 5.87 23.89 -5.48
N SER A 134 4.87 24.54 -6.04
CA SER A 134 4.29 25.72 -5.39
C SER A 134 3.63 25.32 -4.06
N PHE A 135 3.18 24.07 -4.00
CA PHE A 135 2.33 23.55 -2.90
C PHE A 135 1.01 24.32 -2.78
N GLN A 136 0.59 24.92 -3.90
CA GLN A 136 -0.59 25.78 -4.00
C GLN A 136 -1.35 25.52 -5.31
N GLY A 137 -1.00 24.47 -6.06
CA GLY A 137 -1.59 24.27 -7.38
C GLY A 137 -1.04 25.17 -8.48
N PHE A 138 -1.77 25.21 -9.57
CA PHE A 138 -1.38 26.01 -10.75
C PHE A 138 -1.48 27.49 -10.42
N PRO A 139 -0.60 28.31 -11.03
CA PRO A 139 -0.57 29.74 -10.77
C PRO A 139 -1.66 30.50 -11.49
N LYS A 140 -2.10 31.60 -10.87
CA LYS A 140 -3.00 32.51 -11.54
C LYS A 140 -2.28 33.14 -12.73
N ILE A 141 -2.98 33.16 -13.86
CA ILE A 141 -2.46 33.71 -15.10
C ILE A 141 -2.36 35.24 -15.06
N THR A 142 -1.23 35.75 -15.55
CA THR A 142 -1.09 37.19 -15.78
C THR A 142 -0.55 37.46 -17.19
N ASP A 143 -0.34 38.75 -17.49
CA ASP A 143 0.18 39.14 -18.81
C ASP A 143 1.63 38.69 -19.02
N ASP A 144 2.30 38.20 -17.99
CA ASP A 144 3.64 37.59 -18.18
C ASP A 144 3.61 36.14 -18.67
N ASP A 145 2.42 35.54 -18.78
CA ASP A 145 2.35 34.16 -19.27
C ASP A 145 2.37 34.06 -20.79
N HIS A 146 2.95 32.94 -21.25
CA HIS A 146 2.88 32.53 -22.64
C HIS A 146 1.41 32.47 -23.08
N PRO A 147 1.09 32.93 -24.29
CA PRO A 147 -0.31 32.93 -24.72
C PRO A 147 -1.01 31.57 -24.66
N MET A 148 -0.26 30.49 -24.94
CA MET A 148 -0.84 29.16 -24.87
C MET A 148 -1.20 28.80 -23.43
N ASP A 149 -0.36 29.18 -22.50
CA ASP A 149 -0.67 28.96 -21.07
C ASP A 149 -1.86 29.81 -20.61
N ALA A 150 -1.92 31.05 -21.11
CA ALA A 150 -3.01 31.93 -20.74
C ALA A 150 -4.33 31.38 -21.24
N GLU A 151 -4.34 30.89 -22.48
CA GLU A 151 -5.59 30.34 -23.06
C GLU A 151 -6.02 29.10 -22.29
N MET A 152 -5.08 28.21 -22.03
CA MET A 152 -5.37 26.96 -21.34
C MET A 152 -5.84 27.18 -19.89
N ASN A 153 -5.24 28.17 -19.24
CA ASN A 153 -5.57 28.59 -17.88
C ASN A 153 -5.78 27.41 -16.91
N LEU A 154 -4.70 26.67 -16.68
CA LEU A 154 -4.75 25.47 -15.83
C LEU A 154 -5.27 25.78 -14.41
N HIS A 155 -4.99 26.99 -13.92
CA HIS A 155 -5.51 27.49 -12.65
C HIS A 155 -6.99 27.24 -12.45
N GLN A 156 -7.77 27.25 -13.53
CA GLN A 156 -9.20 27.04 -13.42
C GLN A 156 -9.59 25.66 -12.91
N TYR A 157 -8.65 24.70 -12.93
CA TYR A 157 -8.92 23.32 -12.53
C TYR A 157 -8.46 23.00 -11.12
N ASN A 158 -7.85 23.96 -10.40
CA ASN A 158 -7.24 23.66 -9.09
C ASN A 158 -8.20 22.94 -8.14
N ALA A 159 -9.39 23.51 -7.95
CA ALA A 159 -10.33 22.95 -6.97
C ALA A 159 -10.94 21.67 -7.52
N ALA A 160 -11.20 21.65 -8.83
CA ALA A 160 -11.87 20.52 -9.44
C ALA A 160 -11.16 19.19 -9.26
N VAL A 161 -9.83 19.20 -9.22
CA VAL A 161 -9.06 17.97 -9.05
C VAL A 161 -8.29 17.95 -7.72
N ASP A 162 -8.64 18.82 -6.79
CA ASP A 162 -7.97 18.88 -5.49
C ASP A 162 -6.46 19.03 -5.63
N LEU A 163 -6.03 19.94 -6.51
CA LEU A 163 -4.61 20.06 -6.82
C LEU A 163 -3.77 20.71 -5.70
N PRO A 164 -4.23 21.85 -5.14
CA PRO A 164 -3.45 22.47 -4.08
C PRO A 164 -3.22 21.54 -2.89
N THR A 165 -1.97 21.23 -2.63
CA THR A 165 -1.57 20.26 -1.60
C THR A 165 -0.37 20.82 -0.89
N SER A 166 -0.52 21.10 0.40
CA SER A 166 0.49 21.82 1.14
C SER A 166 1.75 20.99 1.37
N LEU A 167 2.84 21.70 1.64
CA LEU A 167 4.08 21.06 1.99
C LEU A 167 3.91 20.10 3.20
N ALA A 168 3.21 20.56 4.22
CA ALA A 168 2.96 19.75 5.41
C ALA A 168 2.24 18.45 5.06
N THR A 169 1.28 18.53 4.15
CA THR A 169 0.56 17.34 3.71
C THR A 169 1.48 16.38 2.96
N VAL A 170 2.31 16.93 2.06
CA VAL A 170 3.22 16.07 1.34
C VAL A 170 4.22 15.39 2.31
N GLN A 171 4.73 16.13 3.28
CA GLN A 171 5.63 15.56 4.31
C GLN A 171 4.94 14.44 5.07
N ARG A 172 3.69 14.68 5.46
CA ARG A 172 2.86 13.68 6.12
C ARG A 172 2.76 12.42 5.27
N ASN A 173 2.49 12.60 3.99
CA ASN A 173 2.41 11.46 3.10
C ASN A 173 3.71 10.65 3.08
N PHE A 174 4.88 11.28 2.90
CA PHE A 174 6.14 10.57 2.96
C PHE A 174 6.26 9.74 4.26
N SER A 175 5.88 10.36 5.38
N SER A 175 5.88 10.35 5.38
CA SER A 175 6.01 9.71 6.70
CA SER A 175 6.03 9.70 6.68
C SER A 175 5.19 8.43 6.80
C SER A 175 5.18 8.44 6.81
N ARG A 176 4.04 8.41 6.14
CA ARG A 176 3.17 7.21 6.19
C ARG A 176 3.83 5.95 5.60
N TYR A 177 4.79 6.15 4.70
CA TYR A 177 5.56 5.07 4.12
C TYR A 177 6.89 4.80 4.82
N GLY A 178 7.19 5.58 5.85
CA GLY A 178 8.48 5.50 6.52
C GLY A 178 9.63 6.07 5.72
N LEU A 179 9.34 7.00 4.82
CA LEU A 179 10.33 7.49 3.86
C LEU A 179 10.63 8.98 3.98
N LEU A 180 10.18 9.63 5.05
CA LEU A 180 10.56 11.01 5.35
C LEU A 180 11.87 11.02 6.13
N ASP A 181 12.97 11.40 5.47
CA ASP A 181 14.27 11.46 6.12
C ASP A 181 15.16 12.50 5.44
N ASP A 182 16.42 12.58 5.84
N ASP A 182 16.43 12.59 5.85
CA ASP A 182 17.32 13.63 5.37
CA ASP A 182 17.33 13.61 5.37
C ASP A 182 17.74 13.47 3.92
C ASP A 182 17.61 13.53 3.88
N GLN A 183 17.34 12.39 3.26
CA GLN A 183 17.50 12.24 1.82
C GLN A 183 16.27 12.67 1.01
N VAL A 184 15.33 13.36 1.65
CA VAL A 184 14.24 14.03 0.98
C VAL A 184 14.32 15.51 1.33
N ARG A 185 14.43 16.37 0.31
CA ARG A 185 14.51 17.81 0.51
C ARG A 185 13.46 18.49 -0.33
N PHE A 186 12.92 19.58 0.17
CA PHE A 186 11.76 20.25 -0.40
C PHE A 186 12.14 21.63 -0.94
N LEU A 187 11.55 22.00 -2.08
CA LEU A 187 11.80 23.28 -2.73
C LEU A 187 10.46 23.97 -2.95
N PRO A 188 9.91 24.62 -1.91
CA PRO A 188 8.60 25.24 -2.04
C PRO A 188 8.66 26.59 -2.73
N GLY A 189 7.82 26.74 -3.75
CA GLY A 189 7.68 28.00 -4.46
C GLY A 189 7.45 27.79 -5.95
N TRP A 190 7.25 28.89 -6.64
CA TRP A 190 7.13 28.86 -8.11
C TRP A 190 8.47 28.55 -8.73
N PHE A 191 8.50 27.66 -9.74
CA PHE A 191 9.77 27.23 -10.32
C PHE A 191 10.65 28.37 -10.82
N LYS A 192 10.05 29.45 -11.32
CA LYS A 192 10.84 30.58 -11.81
C LYS A 192 11.65 31.21 -10.68
N ASP A 193 11.14 31.06 -9.46
CA ASP A 193 11.81 31.57 -8.26
C ASP A 193 12.75 30.56 -7.60
N THR A 194 12.38 29.27 -7.57
CA THR A 194 13.14 28.30 -6.83
C THR A 194 14.26 27.59 -7.61
N MET A 195 14.13 27.48 -8.93
CA MET A 195 15.07 26.67 -9.66
C MET A 195 16.46 27.30 -9.85
N PRO A 196 16.56 28.60 -10.15
CA PRO A 196 17.90 29.13 -10.45
C PRO A 196 18.93 28.91 -9.35
N THR A 197 18.51 29.02 -8.08
CA THR A 197 19.44 28.88 -6.98
C THR A 197 19.15 27.66 -6.11
N ALA A 198 18.38 26.71 -6.63
CA ALA A 198 18.15 25.47 -5.88
C ALA A 198 19.51 24.85 -5.54
N PRO A 199 19.68 24.34 -4.31
CA PRO A 199 21.04 23.99 -3.90
C PRO A 199 21.66 22.67 -4.43
N PHE A 200 20.97 21.91 -5.25
CA PHE A 200 21.60 20.68 -5.79
C PHE A 200 22.67 21.03 -6.81
N GLU A 201 23.70 20.18 -6.88
CA GLU A 201 24.80 20.36 -7.82
C GLU A 201 24.66 19.54 -9.09
N ARG A 202 24.13 18.33 -8.96
CA ARG A 202 24.02 17.43 -10.10
C ARG A 202 22.76 16.60 -9.97
N LEU A 203 22.15 16.31 -11.11
CA LEU A 203 20.97 15.45 -11.21
C LEU A 203 21.27 14.25 -12.09
N ALA A 204 20.76 13.08 -11.68
CA ALA A 204 20.75 11.88 -12.50
C ALA A 204 19.41 11.70 -13.19
N VAL A 205 18.34 12.21 -12.58
CA VAL A 205 16.98 12.14 -13.15
C VAL A 205 16.29 13.47 -12.89
N LEU A 206 15.79 14.09 -13.96
CA LEU A 206 15.03 15.33 -13.89
C LEU A 206 13.64 15.04 -14.40
N ARG A 207 12.67 15.01 -13.51
CA ARG A 207 11.29 14.61 -13.86
C ARG A 207 10.38 15.84 -13.83
N MET A 208 9.89 16.25 -15.00
CA MET A 208 9.15 17.50 -15.15
C MET A 208 7.68 17.16 -15.27
N ASP A 209 6.88 17.73 -14.37
CA ASP A 209 5.43 17.48 -14.33
C ASP A 209 4.68 18.72 -13.88
N GLY A 210 4.92 19.81 -14.60
CA GLY A 210 4.30 21.11 -14.31
C GLY A 210 3.30 21.60 -15.35
N ASP A 211 3.12 20.82 -16.42
CA ASP A 211 2.06 20.99 -17.42
C ASP A 211 2.15 22.13 -18.44
N SER A 212 2.60 23.31 -18.02
CA SER A 212 2.54 24.51 -18.83
C SER A 212 3.83 24.73 -19.60
N TYR A 213 3.77 25.58 -20.62
CA TYR A 213 4.96 26.07 -21.25
C TYR A 213 5.89 26.66 -20.20
N GLY A 214 5.33 27.53 -19.38
CA GLY A 214 6.13 28.27 -18.40
C GLY A 214 6.87 27.37 -17.42
N ALA A 215 6.17 26.42 -16.82
CA ALA A 215 6.77 25.54 -15.84
C ALA A 215 7.84 24.66 -16.47
N THR A 216 7.59 24.25 -17.72
CA THR A 216 8.51 23.37 -18.44
C THR A 216 9.76 24.16 -18.82
N MET A 217 9.57 25.36 -19.36
CA MET A 217 10.70 26.18 -19.77
C MET A 217 11.49 26.66 -18.56
N ASP A 218 10.80 26.98 -17.44
CA ASP A 218 11.49 27.39 -16.23
C ASP A 218 12.49 26.31 -15.78
N VAL A 219 12.00 25.06 -15.77
CA VAL A 219 12.82 23.96 -15.28
C VAL A 219 13.89 23.51 -16.26
N LEU A 220 13.57 23.45 -17.55
CA LEU A 220 14.61 23.16 -18.52
C LEU A 220 15.71 24.23 -18.44
N THR A 221 15.31 25.49 -18.43
CA THR A 221 16.29 26.57 -18.39
C THR A 221 17.21 26.45 -17.19
N HIS A 222 16.61 26.27 -16.02
CA HIS A 222 17.36 26.45 -14.80
C HIS A 222 17.86 25.19 -14.12
N ALA A 223 17.28 24.03 -14.45
CA ALA A 223 17.71 22.76 -13.87
C ALA A 223 18.40 21.79 -14.85
N TYR A 224 18.01 21.78 -16.12
CA TYR A 224 18.58 20.82 -17.06
C TYR A 224 20.11 20.92 -17.20
N PRO A 225 20.70 22.13 -17.12
CA PRO A 225 22.16 22.15 -17.23
C PRO A 225 22.89 21.34 -16.15
N ARG A 226 22.23 21.06 -15.03
CA ARG A 226 22.80 20.23 -13.98
C ARG A 226 22.52 18.72 -14.15
N LEU A 227 21.81 18.34 -15.21
CA LEU A 227 21.59 16.94 -15.50
C LEU A 227 22.87 16.30 -16.06
N SER A 228 23.35 15.26 -15.38
CA SER A 228 24.57 14.58 -15.81
C SER A 228 24.44 13.94 -17.17
N PRO A 229 25.57 13.81 -17.90
CA PRO A 229 25.53 12.96 -19.08
C PRO A 229 25.17 11.54 -18.67
N GLY A 230 24.28 10.92 -19.43
CA GLY A 230 23.71 9.63 -19.05
C GLY A 230 22.48 9.70 -18.17
N GLY A 231 22.15 10.92 -17.74
CA GLY A 231 20.95 11.15 -16.92
C GLY A 231 19.72 11.23 -17.77
N PHE A 232 18.55 11.22 -17.13
CA PHE A 232 17.28 11.16 -17.82
C PHE A 232 16.43 12.40 -17.59
N ALA A 233 15.84 12.89 -18.67
CA ALA A 233 14.90 14.02 -18.66
C ALA A 233 13.53 13.46 -19.01
N ILE A 234 12.59 13.49 -18.06
CA ILE A 234 11.25 12.97 -18.26
C ILE A 234 10.27 14.13 -18.40
N ILE A 235 9.49 14.13 -19.47
CA ILE A 235 8.46 15.13 -19.69
C ILE A 235 7.10 14.45 -19.50
N ASP A 236 6.52 14.63 -18.34
CA ASP A 236 5.29 13.93 -18.00
C ASP A 236 4.12 14.35 -18.90
N ASP A 237 4.09 15.67 -19.23
CA ASP A 237 2.91 16.28 -19.84
C ASP A 237 3.10 16.60 -21.31
N TYR A 238 3.86 15.78 -22.02
CA TYR A 238 4.19 16.07 -23.42
C TYR A 238 2.98 16.09 -24.35
N CYS A 239 1.89 15.44 -23.95
CA CYS A 239 0.62 15.51 -24.67
C CYS A 239 -0.03 16.90 -24.68
N ILE A 240 0.37 17.79 -23.77
CA ILE A 240 -0.19 19.13 -23.70
C ILE A 240 0.58 20.03 -24.67
N PRO A 241 -0.12 20.68 -25.63
CA PRO A 241 0.61 21.45 -26.64
C PRO A 241 1.59 22.49 -26.08
N ALA A 242 1.21 23.21 -25.03
CA ALA A 242 2.10 24.23 -24.47
C ALA A 242 3.39 23.65 -23.93
N CYS A 243 3.27 22.51 -23.26
CA CYS A 243 4.42 21.80 -22.72
C CYS A 243 5.36 21.37 -23.86
N ARG A 244 4.78 20.74 -24.88
CA ARG A 244 5.55 20.30 -26.02
C ARG A 244 6.27 21.47 -26.72
N GLU A 245 5.59 22.60 -26.82
N GLU A 245 5.61 22.62 -26.83
CA GLU A 245 6.15 23.82 -27.39
CA GLU A 245 6.23 23.78 -27.45
C GLU A 245 7.47 24.20 -26.70
C GLU A 245 7.50 24.21 -26.70
N ALA A 246 7.44 24.18 -25.37
CA ALA A 246 8.63 24.51 -24.57
C ALA A 246 9.75 23.51 -24.79
N VAL A 247 9.38 22.23 -24.82
CA VAL A 247 10.37 21.18 -25.03
C VAL A 247 11.13 21.41 -26.35
N HIS A 248 10.41 21.63 -27.44
CA HIS A 248 11.06 21.80 -28.73
C HIS A 248 11.86 23.09 -28.82
N GLU A 249 11.33 24.17 -28.23
CA GLU A 249 12.06 25.43 -28.22
C GLU A 249 13.40 25.26 -27.50
N TYR A 250 13.34 24.61 -26.34
CA TYR A 250 14.54 24.43 -25.52
C TYR A 250 15.57 23.56 -26.25
N ARG A 251 15.11 22.42 -26.78
CA ARG A 251 16.00 21.51 -27.51
C ARG A 251 16.62 22.16 -28.75
N ASP A 252 15.85 22.98 -29.47
CA ASP A 252 16.39 23.67 -30.64
C ASP A 252 17.46 24.67 -30.22
N ARG A 253 17.20 25.42 -29.15
CA ARG A 253 18.15 26.42 -28.66
C ARG A 253 19.49 25.80 -28.31
N HIS A 254 19.44 24.62 -27.68
CA HIS A 254 20.65 23.99 -27.14
C HIS A 254 21.26 22.93 -28.05
N GLY A 255 20.65 22.70 -29.21
CA GLY A 255 21.16 21.70 -30.13
C GLY A 255 21.06 20.29 -29.59
N ILE A 256 19.98 20.01 -28.87
CA ILE A 256 19.73 18.69 -28.30
C ILE A 256 18.92 17.83 -29.27
N SER A 257 19.52 16.70 -29.67
CA SER A 257 18.87 15.78 -30.62
C SER A 257 18.68 14.37 -30.03
N ASP A 258 18.80 14.23 -28.71
CA ASP A 258 18.63 12.93 -28.06
C ASP A 258 17.20 12.43 -28.29
N GLU A 259 17.07 11.16 -28.71
CA GLU A 259 15.80 10.57 -29.06
C GLU A 259 14.72 10.79 -28.01
N ILE A 260 13.54 11.26 -28.43
CA ILE A 260 12.40 11.40 -27.53
C ILE A 260 11.64 10.08 -27.60
N VAL A 261 11.59 9.36 -26.47
CA VAL A 261 11.00 8.04 -26.34
C VAL A 261 9.67 8.14 -25.60
N GLU A 262 8.62 7.64 -26.23
CA GLU A 262 7.28 7.72 -25.66
C GLU A 262 7.05 6.63 -24.63
N ILE A 263 6.39 6.99 -23.53
CA ILE A 263 6.09 6.07 -22.42
C ILE A 263 4.64 5.56 -22.50
N ASP A 264 3.70 6.48 -22.62
CA ASP A 264 2.28 6.15 -22.64
C ASP A 264 1.55 7.20 -23.46
N ARG A 265 0.29 7.53 -23.16
CA ARG A 265 -0.41 8.57 -23.93
C ARG A 265 -0.12 9.98 -23.44
N GLN A 266 0.70 10.13 -22.39
CA GLN A 266 1.02 11.45 -21.84
C GLN A 266 2.51 11.76 -21.93
N GLY A 267 3.33 10.87 -21.37
CA GLY A 267 4.72 11.16 -21.09
C GLY A 267 5.69 10.64 -22.12
N VAL A 268 6.83 11.33 -22.18
CA VAL A 268 8.00 10.91 -22.95
C VAL A 268 9.26 11.17 -22.12
N TYR A 269 10.38 10.68 -22.59
CA TYR A 269 11.67 11.02 -21.94
C TYR A 269 12.78 11.00 -22.97
N TRP A 270 13.92 11.59 -22.61
CA TRP A 270 15.15 11.30 -23.34
C TRP A 270 16.29 11.09 -22.36
N ARG A 271 17.35 10.45 -22.84
CA ARG A 271 18.56 10.26 -22.07
C ARG A 271 19.62 11.20 -22.62
N ARG A 272 20.23 11.98 -21.73
CA ARG A 272 21.17 13.02 -22.16
C ARG A 272 22.48 12.39 -22.60
N SER A 273 22.89 12.68 -23.84
CA SER A 273 24.13 12.13 -24.36
C SER A 273 25.26 13.13 -24.03
N SER B 24 15.37 -2.05 6.41
CA SER B 24 16.71 -1.95 5.72
C SER B 24 16.83 -2.84 4.49
N THR B 25 16.65 -4.16 4.65
CA THR B 25 16.77 -5.06 3.49
C THR B 25 15.50 -4.98 2.65
N GLY B 26 15.58 -5.50 1.43
CA GLY B 26 14.39 -5.53 0.56
C GLY B 26 13.23 -6.28 1.19
N VAL B 27 13.52 -7.43 1.80
CA VAL B 27 12.51 -8.20 2.52
C VAL B 27 11.87 -7.38 3.64
N GLU B 28 12.69 -6.77 4.48
CA GLU B 28 12.17 -5.99 5.60
C GLU B 28 11.30 -4.84 5.10
N LEU B 29 11.77 -4.15 4.06
CA LEU B 29 11.01 -3.05 3.46
C LEU B 29 9.67 -3.52 2.88
N TYR B 30 9.69 -4.64 2.16
CA TYR B 30 8.46 -5.19 1.58
C TYR B 30 7.44 -5.54 2.68
N LEU B 31 7.88 -6.27 3.69
CA LEU B 31 6.94 -6.73 4.72
C LEU B 31 6.43 -5.57 5.58
N ASP B 32 7.28 -4.59 5.82
CA ASP B 32 6.84 -3.40 6.53
C ASP B 32 5.78 -2.64 5.72
N LEU B 33 6.03 -2.48 4.44
CA LEU B 33 5.04 -1.82 3.59
C LEU B 33 3.74 -2.61 3.48
N LEU B 34 3.86 -3.93 3.38
CA LEU B 34 2.70 -4.78 3.24
C LEU B 34 1.80 -4.63 4.49
N LYS B 35 2.39 -4.57 5.69
CA LYS B 35 1.60 -4.34 6.89
C LYS B 35 0.89 -2.97 6.89
N ARG B 36 1.61 -1.93 6.48
CA ARG B 36 1.04 -0.57 6.41
C ARG B 36 -0.07 -0.49 5.37
N THR B 37 0.02 -1.32 4.35
CA THR B 37 -0.94 -1.30 3.27
C THR B 37 -2.21 -2.10 3.59
N VAL B 38 -2.08 -3.33 4.08
CA VAL B 38 -3.28 -4.10 4.41
C VAL B 38 -4.10 -3.49 5.55
N SER B 39 -3.41 -2.81 6.47
CA SER B 39 -4.10 -2.06 7.53
C SER B 39 -4.48 -0.63 7.14
N ASN B 40 -4.08 -0.23 5.94
CA ASN B 40 -4.30 1.11 5.39
C ASN B 40 -3.88 2.25 6.32
N PHE B 41 -2.69 2.10 6.91
CA PHE B 41 -1.99 3.24 7.44
C PHE B 41 -1.60 4.24 6.35
N ILE B 42 -1.58 3.80 5.09
CA ILE B 42 -1.20 4.69 4.00
C ILE B 42 -2.24 5.77 3.72
N TYR B 43 -3.51 5.35 3.55
CA TYR B 43 -4.58 6.27 3.20
C TYR B 43 -5.54 6.60 4.33
N GLN B 44 -5.49 5.81 5.40
CA GLN B 44 -6.17 6.16 6.67
C GLN B 44 -7.67 6.36 6.53
N ASP B 45 -8.32 5.27 6.11
CA ASP B 45 -9.75 5.25 5.94
C ASP B 45 -10.51 5.38 7.28
N ALA B 46 -11.67 6.03 7.18
CA ALA B 46 -12.59 6.14 8.29
C ALA B 46 -12.98 4.77 8.83
N THR B 47 -13.41 4.77 10.08
CA THR B 47 -13.98 3.58 10.71
C THR B 47 -15.49 3.66 10.73
N HIS B 48 -16.13 2.50 10.71
CA HIS B 48 -17.55 2.44 11.07
C HIS B 48 -17.73 2.85 12.52
N VAL B 49 -18.89 3.44 12.81
CA VAL B 49 -19.25 3.85 14.16
C VAL B 49 -20.09 2.75 14.81
N ALA B 50 -19.45 1.95 15.67
CA ALA B 50 -20.05 0.72 16.20
C ALA B 50 -19.29 0.33 17.46
N GLY B 51 -19.91 -0.50 18.28
CA GLY B 51 -19.26 -0.97 19.52
C GLY B 51 -18.85 0.21 20.37
N LEU B 52 -17.57 0.26 20.75
CA LEU B 52 -17.04 1.34 21.58
C LEU B 52 -16.38 2.46 20.76
N ILE B 53 -16.42 2.35 19.43
CA ILE B 53 -15.93 3.40 18.53
C ILE B 53 -17.06 4.39 18.29
N THR B 54 -16.90 5.65 18.72
CA THR B 54 -18.00 6.63 18.72
C THR B 54 -17.97 7.70 17.62
N GLN B 55 -16.87 7.76 16.86
CA GLN B 55 -16.68 8.73 15.79
C GLN B 55 -16.11 7.99 14.58
N ALA B 56 -16.32 8.56 13.38
CA ALA B 56 -15.83 7.93 12.14
C ALA B 56 -14.35 8.19 11.84
N ALA B 57 -13.80 9.26 12.38
CA ALA B 57 -12.43 9.66 12.04
C ALA B 57 -11.40 8.57 12.29
N PHE B 58 -10.45 8.44 11.36
CA PHE B 58 -9.26 7.61 11.59
C PHE B 58 -8.55 8.10 12.84
N VAL B 59 -8.24 7.18 13.73
CA VAL B 59 -7.42 7.48 14.91
C VAL B 59 -6.20 6.54 14.87
N GLU B 60 -4.98 7.09 14.86
CA GLU B 60 -3.77 6.30 14.69
C GLU B 60 -3.66 5.21 15.71
N GLU B 61 -3.93 5.54 16.97
CA GLU B 61 -3.74 4.58 18.05
C GLU B 61 -4.72 3.41 17.94
N ALA B 62 -5.92 3.68 17.45
CA ALA B 62 -6.93 2.64 17.27
C ALA B 62 -6.54 1.69 16.13
N ARG B 63 -6.03 2.21 15.02
CA ARG B 63 -5.56 1.34 13.96
C ARG B 63 -4.28 0.58 14.32
N GLU B 64 -3.38 1.22 15.07
CA GLU B 64 -2.16 0.58 15.52
C GLU B 64 -2.44 -0.66 16.36
N SER B 65 -3.49 -0.59 17.18
CA SER B 65 -3.83 -1.74 18.04
C SER B 65 -5.03 -2.53 17.54
N GLY B 66 -5.51 -2.26 16.32
CA GLY B 66 -6.56 -3.10 15.71
C GLY B 66 -7.91 -3.01 16.37
N GLU B 67 -8.30 -1.81 16.79
CA GLU B 67 -9.49 -1.65 17.64
C GLU B 67 -10.71 -1.10 16.93
N ASP B 68 -10.51 -0.61 15.72
CA ASP B 68 -11.62 0.01 14.96
C ASP B 68 -12.15 -0.96 13.89
N TYR B 69 -13.03 -0.42 13.04
CA TYR B 69 -13.80 -1.21 12.10
C TYR B 69 -13.64 -0.55 10.73
N PRO B 70 -12.50 -0.83 10.07
CA PRO B 70 -12.18 -0.05 8.87
C PRO B 70 -13.24 -0.10 7.77
N THR B 71 -13.53 1.06 7.19
CA THR B 71 -14.48 1.10 6.08
C THR B 71 -13.90 0.51 4.79
N VAL B 72 -12.58 0.58 4.65
CA VAL B 72 -11.88 0.18 3.43
C VAL B 72 -10.75 -0.85 3.65
N ALA B 73 -10.00 -0.74 4.75
CA ALA B 73 -8.80 -1.54 4.92
C ALA B 73 -9.06 -3.02 4.80
N HIS B 74 -8.07 -3.75 4.30
CA HIS B 74 -8.25 -5.20 4.10
C HIS B 74 -8.12 -6.05 5.35
N THR B 75 -7.55 -5.51 6.42
CA THR B 75 -7.56 -6.18 7.74
C THR B 75 -7.95 -5.22 8.83
N ALA B 76 -8.60 -5.75 9.85
CA ALA B 76 -8.94 -5.03 11.07
C ALA B 76 -8.01 -5.34 12.22
N ILE B 77 -7.05 -6.25 12.02
CA ILE B 77 -6.27 -6.74 13.19
C ILE B 77 -5.24 -5.74 13.73
N GLY B 78 -4.89 -4.73 12.94
CA GLY B 78 -3.95 -3.71 13.41
C GLY B 78 -2.49 -4.08 13.33
N MET B 79 -1.63 -3.09 13.58
N MET B 79 -1.63 -3.09 13.57
CA MET B 79 -0.19 -3.27 13.44
CA MET B 79 -0.19 -3.29 13.43
C MET B 79 0.40 -4.22 14.47
C MET B 79 0.40 -4.23 14.48
N LYS B 80 -0.06 -4.16 15.72
CA LYS B 80 0.51 -5.05 16.76
C LYS B 80 0.25 -6.53 16.44
N ARG B 81 -0.97 -6.83 15.99
CA ARG B 81 -1.29 -8.20 15.61
C ARG B 81 -0.70 -8.61 14.26
N LEU B 82 -0.51 -7.67 13.33
CA LEU B 82 0.26 -7.98 12.12
C LEU B 82 1.72 -8.32 12.47
N ASN B 83 2.31 -7.54 13.36
CA ASN B 83 3.68 -7.83 13.82
C ASN B 83 3.76 -9.19 14.50
N ASN B 84 2.75 -9.52 15.30
CA ASN B 84 2.70 -10.85 15.90
C ASN B 84 2.64 -11.96 14.86
N LEU B 85 1.81 -11.77 13.85
CA LEU B 85 1.69 -12.78 12.78
C LEU B 85 3.04 -12.96 12.07
N GLN B 86 3.72 -11.86 11.80
CA GLN B 86 5.04 -11.91 11.19
C GLN B 86 6.02 -12.69 12.07
N HIS B 87 6.02 -12.39 13.36
CA HIS B 87 6.90 -13.08 14.31
C HIS B 87 6.64 -14.59 14.31
N CYS B 88 5.36 -14.98 14.31
CA CYS B 88 5.02 -16.41 14.35
C CYS B 88 5.45 -17.11 13.06
N VAL B 89 5.14 -16.52 11.91
CA VAL B 89 5.51 -17.16 10.67
C VAL B 89 7.05 -17.22 10.48
N GLU B 90 7.73 -16.11 10.75
CA GLU B 90 9.17 -16.08 10.59
C GLU B 90 9.85 -17.06 11.55
N SER B 91 9.32 -17.17 12.77
CA SER B 91 9.88 -18.11 13.74
C SER B 91 9.71 -19.54 13.29
N ALA B 92 8.51 -19.86 12.80
CA ALA B 92 8.29 -21.19 12.24
C ALA B 92 9.26 -21.51 11.10
N LEU B 93 9.44 -20.57 10.18
CA LEU B 93 10.36 -20.77 9.05
C LEU B 93 11.78 -20.97 9.55
N ARG B 94 12.23 -20.08 10.44
CA ARG B 94 13.60 -20.12 10.95
C ARG B 94 13.90 -21.41 11.70
N ASP B 95 12.93 -21.88 12.47
CA ASP B 95 13.11 -23.04 13.34
C ASP B 95 12.79 -24.37 12.66
N GLY B 96 12.30 -24.34 11.44
CA GLY B 96 11.95 -25.55 10.71
C GLY B 96 10.72 -26.24 11.24
N VAL B 97 9.78 -25.45 11.78
CA VAL B 97 8.49 -26.01 12.24
C VAL B 97 7.68 -26.37 10.98
N PRO B 98 7.31 -27.65 10.80
CA PRO B 98 6.59 -27.97 9.55
C PRO B 98 5.14 -27.48 9.52
N GLY B 99 4.66 -27.17 8.32
CA GLY B 99 3.24 -27.00 8.11
C GLY B 99 2.83 -25.68 7.50
N ASP B 100 1.52 -25.59 7.29
CA ASP B 100 0.94 -24.47 6.59
C ASP B 100 0.46 -23.39 7.58
N VAL B 101 -0.13 -22.33 7.05
CA VAL B 101 -0.72 -21.27 7.85
C VAL B 101 -2.22 -21.25 7.57
N LEU B 102 -3.03 -21.29 8.62
CA LEU B 102 -4.48 -21.24 8.50
C LEU B 102 -5.01 -20.08 9.32
N GLU B 103 -5.85 -19.23 8.74
CA GLU B 103 -6.64 -18.26 9.49
C GLU B 103 -8.11 -18.62 9.41
N THR B 104 -8.74 -18.74 10.57
CA THR B 104 -10.16 -19.00 10.65
C THR B 104 -10.88 -17.70 11.02
N GLY B 105 -11.48 -17.06 10.03
CA GLY B 105 -12.18 -15.77 10.17
C GLY B 105 -11.27 -14.74 9.53
N VAL B 106 -11.53 -14.40 8.27
CA VAL B 106 -10.60 -13.62 7.46
C VAL B 106 -11.13 -12.24 7.04
N TRP B 107 -12.45 -12.02 7.15
CA TRP B 107 -13.08 -10.77 6.69
C TRP B 107 -12.63 -10.46 5.25
N ARG B 108 -11.98 -9.32 5.01
CA ARG B 108 -11.59 -8.94 3.64
C ARG B 108 -10.27 -9.62 3.18
N GLY B 109 -9.61 -10.36 4.06
CA GLY B 109 -8.46 -11.17 3.68
C GLY B 109 -7.10 -10.65 4.01
N GLY B 110 -7.02 -9.44 4.55
CA GLY B 110 -5.73 -8.79 4.71
C GLY B 110 -4.67 -9.48 5.55
N ALA B 111 -5.06 -10.15 6.63
CA ALA B 111 -4.07 -10.90 7.41
C ALA B 111 -3.54 -12.10 6.62
N CYS B 112 -4.42 -12.77 5.87
CA CYS B 112 -3.98 -13.88 5.01
C CYS B 112 -3.13 -13.42 3.82
N ILE B 113 -3.46 -12.24 3.28
CA ILE B 113 -2.65 -11.62 2.23
C ILE B 113 -1.25 -11.39 2.78
N PHE B 114 -1.20 -10.83 3.98
CA PHE B 114 0.10 -10.59 4.62
C PHE B 114 0.86 -11.89 4.85
N ALA B 115 0.19 -12.92 5.36
CA ALA B 115 0.84 -14.24 5.52
C ALA B 115 1.43 -14.79 4.21
N ARG B 116 0.67 -14.69 3.11
CA ARG B 116 1.17 -15.14 1.82
C ARG B 116 2.38 -14.31 1.40
N GLY B 117 2.33 -13.00 1.68
CA GLY B 117 3.47 -12.12 1.41
C GLY B 117 4.74 -12.47 2.16
N ILE B 118 4.60 -12.95 3.41
CA ILE B 118 5.76 -13.39 4.17
C ILE B 118 6.41 -14.58 3.47
N LEU B 119 5.60 -15.56 3.10
CA LEU B 119 6.12 -16.71 2.36
C LEU B 119 6.77 -16.28 1.04
N LYS B 120 6.14 -15.34 0.33
CA LYS B 120 6.69 -14.82 -0.93
C LYS B 120 8.04 -14.15 -0.72
N ALA B 121 8.15 -13.34 0.33
CA ALA B 121 9.40 -12.61 0.60
C ALA B 121 10.60 -13.54 0.81
N TYR B 122 10.34 -14.70 1.42
CA TYR B 122 11.39 -15.69 1.69
C TYR B 122 11.48 -16.80 0.64
N ASP B 123 10.75 -16.64 -0.45
CA ASP B 123 10.71 -17.59 -1.55
C ASP B 123 10.40 -19.00 -1.04
N VAL B 124 9.43 -19.08 -0.15
CA VAL B 124 8.95 -20.37 0.35
C VAL B 124 7.91 -20.94 -0.61
N ARG B 125 8.21 -22.10 -1.19
CA ARG B 125 7.36 -22.68 -2.21
C ARG B 125 6.56 -23.89 -1.76
N ASP B 126 6.82 -24.35 -0.54
CA ASP B 126 6.28 -25.60 -0.04
C ASP B 126 5.36 -25.46 1.18
N ARG B 127 4.80 -24.26 1.37
CA ARG B 127 3.75 -24.05 2.37
C ARG B 127 2.61 -23.27 1.75
N THR B 128 1.42 -23.48 2.28
CA THR B 128 0.17 -22.89 1.81
C THR B 128 -0.46 -22.02 2.91
N VAL B 129 -1.10 -20.95 2.48
CA VAL B 129 -1.99 -20.18 3.32
C VAL B 129 -3.44 -20.60 3.05
N TRP B 130 -4.09 -21.08 4.11
CA TRP B 130 -5.46 -21.53 4.06
C TRP B 130 -6.37 -20.45 4.62
N VAL B 131 -7.40 -20.11 3.86
CA VAL B 131 -8.24 -18.94 4.10
C VAL B 131 -9.67 -19.46 4.35
N ALA B 132 -10.06 -19.49 5.63
CA ALA B 132 -11.31 -20.14 6.03
C ALA B 132 -12.30 -19.11 6.55
N ASP B 133 -13.50 -19.14 6.00
CA ASP B 133 -14.55 -18.22 6.42
C ASP B 133 -15.87 -18.71 5.88
N SER B 134 -16.95 -18.27 6.50
CA SER B 134 -18.28 -18.43 5.90
C SER B 134 -18.41 -17.62 4.61
N PHE B 135 -17.63 -16.54 4.53
CA PHE B 135 -17.74 -15.54 3.45
C PHE B 135 -19.12 -14.89 3.43
N GLN B 136 -19.78 -14.90 4.58
CA GLN B 136 -21.05 -14.19 4.74
C GLN B 136 -21.28 -13.67 6.15
N GLY B 137 -20.20 -13.46 6.90
CA GLY B 137 -20.32 -12.93 8.25
C GLY B 137 -20.72 -13.95 9.28
N PHE B 138 -21.13 -13.43 10.43
CA PHE B 138 -21.50 -14.27 11.56
C PHE B 138 -22.79 -15.01 11.26
N PRO B 139 -22.93 -16.24 11.80
CA PRO B 139 -24.15 -17.02 11.62
C PRO B 139 -25.31 -16.57 12.51
N LYS B 140 -26.53 -16.74 12.02
CA LYS B 140 -27.71 -16.51 12.85
C LYS B 140 -27.67 -17.48 14.03
N ILE B 141 -27.99 -16.97 15.22
CA ILE B 141 -28.04 -17.81 16.42
C ILE B 141 -29.20 -18.81 16.34
N THR B 142 -28.92 -20.03 16.82
CA THR B 142 -29.92 -21.11 16.92
C THR B 142 -29.93 -21.65 18.33
N ASP B 143 -30.83 -22.60 18.58
CA ASP B 143 -30.89 -23.25 19.89
C ASP B 143 -29.66 -24.08 20.22
N ASP B 144 -28.87 -24.45 19.23
CA ASP B 144 -27.63 -25.21 19.47
C ASP B 144 -26.46 -24.33 19.96
N ASP B 145 -26.61 -23.02 19.94
CA ASP B 145 -25.50 -22.17 20.37
C ASP B 145 -25.30 -22.12 21.89
N HIS B 146 -24.05 -21.94 22.27
CA HIS B 146 -23.67 -21.67 23.65
C HIS B 146 -24.43 -20.44 24.16
N PRO B 147 -24.88 -20.46 25.43
CA PRO B 147 -25.65 -19.32 25.90
C PRO B 147 -24.93 -17.97 25.81
N MET B 148 -23.61 -17.97 26.00
CA MET B 148 -22.83 -16.72 25.86
C MET B 148 -22.84 -16.19 24.44
N ASP B 149 -22.83 -17.09 23.46
CA ASP B 149 -22.93 -16.69 22.06
C ASP B 149 -24.31 -16.19 21.73
N ALA B 150 -25.33 -16.85 22.27
CA ALA B 150 -26.71 -16.39 22.06
C ALA B 150 -26.93 -14.99 22.59
N GLU B 151 -26.42 -14.73 23.79
CA GLU B 151 -26.58 -13.41 24.42
C GLU B 151 -25.83 -12.34 23.62
N MET B 152 -24.61 -12.67 23.20
CA MET B 152 -23.78 -11.72 22.46
C MET B 152 -24.35 -11.41 21.07
N ASN B 153 -24.87 -12.45 20.43
CA ASN B 153 -25.52 -12.36 19.13
C ASN B 153 -24.73 -11.53 18.12
N LEU B 154 -23.54 -12.02 17.79
CA LEU B 154 -22.63 -11.30 16.88
C LEU B 154 -23.26 -11.01 15.51
N HIS B 155 -24.15 -11.90 15.06
CA HIS B 155 -24.94 -11.73 13.84
C HIS B 155 -25.57 -10.35 13.73
N GLN B 156 -25.93 -9.75 14.86
CA GLN B 156 -26.57 -8.43 14.83
C GLN B 156 -25.70 -7.36 14.16
N TYR B 157 -24.39 -7.54 14.16
CA TYR B 157 -23.45 -6.52 13.68
C TYR B 157 -23.05 -6.66 12.22
N ASN B 158 -23.49 -7.72 11.54
CA ASN B 158 -22.94 -8.02 10.21
C ASN B 158 -22.92 -6.81 9.26
N ALA B 159 -24.09 -6.25 8.97
CA ALA B 159 -24.15 -5.15 8.01
C ALA B 159 -23.52 -3.89 8.57
N ALA B 160 -23.70 -3.65 9.86
CA ALA B 160 -23.19 -2.43 10.48
C ALA B 160 -21.69 -2.21 10.27
N VAL B 161 -20.91 -3.28 10.28
CA VAL B 161 -19.45 -3.17 10.07
C VAL B 161 -19.01 -3.81 8.73
N ASP B 162 -19.93 -4.01 7.80
CA ASP B 162 -19.64 -4.54 6.48
C ASP B 162 -18.87 -5.86 6.55
N LEU B 163 -19.32 -6.76 7.43
CA LEU B 163 -18.59 -8.00 7.66
C LEU B 163 -18.71 -9.04 6.54
N PRO B 164 -19.95 -9.29 6.05
CA PRO B 164 -20.07 -10.28 4.97
C PRO B 164 -19.24 -9.90 3.75
N THR B 165 -18.28 -10.75 3.39
CA THR B 165 -17.35 -10.50 2.30
C THR B 165 -17.16 -11.77 1.53
N SER B 166 -17.64 -11.77 0.27
CA SER B 166 -17.67 -12.99 -0.52
C SER B 166 -16.28 -13.53 -0.83
N LEU B 167 -16.25 -14.82 -1.14
CA LEU B 167 -15.03 -15.45 -1.61
C LEU B 167 -14.45 -14.74 -2.83
N ALA B 168 -15.30 -14.39 -3.79
CA ALA B 168 -14.85 -13.66 -4.97
C ALA B 168 -14.18 -12.34 -4.63
N THR B 169 -14.74 -11.62 -3.65
CA THR B 169 -14.14 -10.36 -3.20
C THR B 169 -12.78 -10.59 -2.52
N VAL B 170 -12.72 -11.61 -1.65
CA VAL B 170 -11.44 -11.91 -1.01
C VAL B 170 -10.38 -12.29 -2.08
N GLN B 171 -10.75 -13.11 -3.06
CA GLN B 171 -9.82 -13.46 -4.14
C GLN B 171 -9.36 -12.23 -4.92
N ARG B 172 -10.30 -11.34 -5.20
CA ARG B 172 -9.99 -10.07 -5.88
C ARG B 172 -8.94 -9.30 -5.06
N ASN B 173 -9.16 -9.21 -3.76
CA ASN B 173 -8.22 -8.50 -2.90
C ASN B 173 -6.82 -9.10 -2.97
N PHE B 174 -6.68 -10.41 -2.86
CA PHE B 174 -5.37 -11.05 -3.03
C PHE B 174 -4.71 -10.64 -4.36
N SER B 175 -5.48 -10.67 -5.44
N SER B 175 -5.49 -10.67 -5.43
CA SER B 175 -4.95 -10.36 -6.76
CA SER B 175 -4.99 -10.36 -6.77
C SER B 175 -4.41 -8.94 -6.86
C SER B 175 -4.43 -8.94 -6.87
N ARG B 176 -5.00 -8.00 -6.12
CA ARG B 176 -4.52 -6.60 -6.18
C ARG B 176 -3.07 -6.46 -5.65
N TYR B 177 -2.63 -7.39 -4.81
CA TYR B 177 -1.26 -7.38 -4.30
C TYR B 177 -0.32 -8.30 -5.08
N GLY B 178 -0.85 -8.95 -6.12
CA GLY B 178 -0.09 -9.96 -6.86
C GLY B 178 0.17 -11.24 -6.09
N LEU B 179 -0.71 -11.58 -5.15
CA LEU B 179 -0.50 -12.69 -4.22
C LEU B 179 -1.56 -13.79 -4.34
N LEU B 180 -2.40 -13.75 -5.37
CA LEU B 180 -3.34 -14.84 -5.60
C LEU B 180 -2.64 -15.91 -6.44
N ASP B 181 -2.30 -17.03 -5.83
CA ASP B 181 -1.66 -18.13 -6.55
C ASP B 181 -1.98 -19.46 -5.89
N ASP B 182 -1.37 -20.55 -6.36
N ASP B 182 -1.37 -20.55 -6.37
CA ASP B 182 -1.71 -21.89 -5.89
CA ASP B 182 -1.69 -21.90 -5.90
C ASP B 182 -1.18 -22.22 -4.49
C ASP B 182 -1.35 -22.13 -4.43
N GLN B 183 -0.50 -21.28 -3.85
CA GLN B 183 -0.18 -21.36 -2.43
C GLN B 183 -1.18 -20.62 -1.54
N VAL B 184 -2.31 -20.22 -2.10
CA VAL B 184 -3.45 -19.73 -1.35
C VAL B 184 -4.63 -20.63 -1.65
N ARG B 185 -5.20 -21.23 -0.60
CA ARG B 185 -6.33 -22.14 -0.75
C ARG B 185 -7.45 -21.71 0.15
N PHE B 186 -8.70 -21.87 -0.31
CA PHE B 186 -9.87 -21.33 0.38
C PHE B 186 -10.73 -22.43 0.93
N LEU B 187 -11.29 -22.18 2.11
CA LEU B 187 -12.16 -23.12 2.81
C LEU B 187 -13.48 -22.45 3.12
N PRO B 188 -14.40 -22.39 2.15
CA PRO B 188 -15.66 -21.65 2.33
C PRO B 188 -16.71 -22.48 3.07
N GLY B 189 -17.24 -21.89 4.14
CA GLY B 189 -18.32 -22.50 4.89
C GLY B 189 -18.19 -22.25 6.37
N TRP B 190 -19.16 -22.75 7.13
CA TRP B 190 -19.11 -22.67 8.60
C TRP B 190 -18.00 -23.58 9.11
N PHE B 191 -17.23 -23.12 10.10
CA PHE B 191 -16.10 -23.93 10.60
C PHE B 191 -16.50 -25.33 11.05
N LYS B 192 -17.68 -25.49 11.63
CA LYS B 192 -18.08 -26.83 12.09
C LYS B 192 -18.20 -27.81 10.92
N ASP B 193 -18.44 -27.27 9.74
CA ASP B 193 -18.54 -28.07 8.50
C ASP B 193 -17.21 -28.22 7.79
N THR B 194 -16.39 -27.17 7.75
CA THR B 194 -15.18 -27.19 6.95
C THR B 194 -13.94 -27.71 7.66
N MET B 195 -13.87 -27.58 8.98
CA MET B 195 -12.64 -27.93 9.66
C MET B 195 -12.34 -29.42 9.80
N PRO B 196 -13.33 -30.26 10.15
CA PRO B 196 -12.96 -31.66 10.39
C PRO B 196 -12.27 -32.36 9.20
N THR B 197 -12.69 -32.04 7.96
CA THR B 197 -12.10 -32.69 6.80
C THR B 197 -11.31 -31.73 5.92
N ALA B 198 -10.95 -30.56 6.44
CA ALA B 198 -10.08 -29.65 5.66
C ALA B 198 -8.82 -30.42 5.23
N PRO B 199 -8.39 -30.25 3.96
CA PRO B 199 -7.38 -31.19 3.50
C PRO B 199 -5.92 -31.00 3.97
N PHE B 200 -5.62 -29.99 4.77
CA PHE B 200 -4.23 -29.83 5.23
C PHE B 200 -3.82 -30.92 6.23
N GLU B 201 -2.54 -31.30 6.21
CA GLU B 201 -2.00 -32.33 7.08
C GLU B 201 -1.39 -31.75 8.35
N ARG B 202 -0.72 -30.60 8.21
CA ARG B 202 0.04 -30.01 9.30
C ARG B 202 -0.02 -28.50 9.22
N LEU B 203 -0.07 -27.85 10.39
CA LEU B 203 -0.01 -26.39 10.50
C LEU B 203 1.21 -25.95 11.29
N ALA B 204 1.83 -24.88 10.85
CA ALA B 204 2.86 -24.18 11.63
C ALA B 204 2.28 -22.99 12.41
N VAL B 205 1.21 -22.39 11.87
CA VAL B 205 0.53 -21.26 12.52
C VAL B 205 -0.97 -21.46 12.35
N LEU B 206 -1.70 -21.40 13.45
CA LEU B 206 -3.15 -21.50 13.48
C LEU B 206 -3.65 -20.19 14.06
N ARG B 207 -4.25 -19.36 13.23
CA ARG B 207 -4.70 -18.00 13.64
C ARG B 207 -6.23 -17.97 13.70
N MET B 208 -6.77 -17.89 14.90
CA MET B 208 -8.20 -18.00 15.13
C MET B 208 -8.77 -16.61 15.33
N ASP B 209 -9.76 -16.24 14.51
CA ASP B 209 -10.36 -14.91 14.56
C ASP B 209 -11.84 -15.01 14.18
N GLY B 210 -12.56 -15.85 14.91
CA GLY B 210 -13.99 -16.04 14.70
C GLY B 210 -14.90 -15.57 15.82
N ASP B 211 -14.32 -15.00 16.89
CA ASP B 211 -15.01 -14.25 17.95
C ASP B 211 -15.84 -15.01 18.99
N SER B 212 -16.61 -16.00 18.56
CA SER B 212 -17.56 -16.69 19.44
C SER B 212 -16.96 -17.88 20.17
N TYR B 213 -17.63 -18.34 21.21
CA TYR B 213 -17.30 -19.61 21.80
C TYR B 213 -17.31 -20.70 20.72
N GLY B 214 -18.38 -20.71 19.93
CA GLY B 214 -18.57 -21.77 18.97
C GLY B 214 -17.49 -21.85 17.91
N ALA B 215 -17.18 -20.72 17.30
CA ALA B 215 -16.16 -20.69 16.28
C ALA B 215 -14.79 -21.06 16.83
N THR B 216 -14.51 -20.62 18.04
CA THR B 216 -13.22 -20.88 18.68
C THR B 216 -13.11 -22.38 19.03
N MET B 217 -14.17 -22.92 19.63
CA MET B 217 -14.18 -24.33 19.97
C MET B 217 -14.20 -25.22 18.72
N ASP B 218 -14.89 -24.79 17.66
CA ASP B 218 -14.90 -25.56 16.42
C ASP B 218 -13.46 -25.74 15.90
N VAL B 219 -12.71 -24.64 15.92
CA VAL B 219 -11.38 -24.64 15.32
C VAL B 219 -10.34 -25.30 16.21
N LEU B 220 -10.41 -25.02 17.52
CA LEU B 220 -9.53 -25.73 18.43
C LEU B 220 -9.80 -27.24 18.34
N THR B 221 -11.06 -27.65 18.34
CA THR B 221 -11.35 -29.06 18.30
C THR B 221 -10.78 -29.73 17.05
N HIS B 222 -11.04 -29.10 15.91
CA HIS B 222 -10.86 -29.79 14.64
C HIS B 222 -9.58 -29.46 13.90
N ALA B 223 -8.96 -28.31 14.21
CA ALA B 223 -7.68 -27.94 13.57
C ALA B 223 -6.47 -27.96 14.49
N TYR B 224 -6.62 -27.65 15.77
CA TYR B 224 -5.44 -27.63 16.66
C TYR B 224 -4.63 -28.93 16.71
N PRO B 225 -5.27 -30.11 16.66
CA PRO B 225 -4.47 -31.34 16.68
C PRO B 225 -3.44 -31.44 15.56
N ARG B 226 -3.67 -30.72 14.46
CA ARG B 226 -2.71 -30.66 13.33
C ARG B 226 -1.62 -29.59 13.45
N LEU B 227 -1.65 -28.81 14.53
CA LEU B 227 -0.61 -27.82 14.79
C LEU B 227 0.66 -28.52 15.27
N SER B 228 1.75 -28.32 14.54
CA SER B 228 3.03 -28.94 14.85
C SER B 228 3.57 -28.51 16.21
N PRO B 229 4.35 -29.39 16.87
CA PRO B 229 5.12 -28.88 18.00
C PRO B 229 6.04 -27.75 17.56
N GLY B 230 6.11 -26.69 18.37
CA GLY B 230 6.82 -25.48 17.98
C GLY B 230 5.98 -24.49 17.17
N GLY B 231 4.77 -24.90 16.80
CA GLY B 231 3.86 -24.03 16.06
C GLY B 231 3.13 -23.06 16.99
N PHE B 232 2.44 -22.10 16.40
CA PHE B 232 1.81 -21.02 17.15
C PHE B 232 0.31 -21.05 17.01
N ALA B 233 -0.37 -20.88 18.14
CA ALA B 233 -1.84 -20.76 18.21
C ALA B 233 -2.17 -19.32 18.63
N ILE B 234 -2.79 -18.56 17.73
CA ILE B 234 -3.09 -17.14 17.98
C ILE B 234 -4.60 -17.02 18.21
N ILE B 235 -4.99 -16.43 19.33
CA ILE B 235 -6.38 -16.17 19.62
C ILE B 235 -6.63 -14.67 19.49
N ASP B 236 -7.15 -14.27 18.35
CA ASP B 236 -7.33 -12.85 18.07
C ASP B 236 -8.29 -12.16 19.04
N ASP B 237 -9.35 -12.90 19.42
CA ASP B 237 -10.50 -12.31 20.12
C ASP B 237 -10.57 -12.67 21.60
N TYR B 238 -9.40 -12.85 22.22
CA TYR B 238 -9.36 -13.32 23.62
C TYR B 238 -10.02 -12.36 24.61
N CYS B 239 -10.13 -11.08 24.24
CA CYS B 239 -10.85 -10.11 25.06
C CYS B 239 -12.34 -10.38 25.15
N ILE B 240 -12.91 -11.18 24.25
CA ILE B 240 -14.33 -11.49 24.27
C ILE B 240 -14.58 -12.66 25.24
N PRO B 241 -15.47 -12.49 26.23
CA PRO B 241 -15.63 -13.54 27.24
C PRO B 241 -15.96 -14.91 26.65
N ALA B 242 -16.82 -14.99 25.63
CA ALA B 242 -17.21 -16.29 25.08
C ALA B 242 -16.02 -17.01 24.43
N CYS B 243 -15.20 -16.24 23.72
CA CYS B 243 -13.98 -16.77 23.11
C CYS B 243 -13.02 -17.31 24.19
N ARG B 244 -12.76 -16.50 25.20
CA ARG B 244 -11.92 -16.90 26.32
C ARG B 244 -12.43 -18.18 27.02
N GLU B 245 -13.74 -18.28 27.18
CA GLU B 245 -14.36 -19.46 27.77
C GLU B 245 -13.98 -20.73 26.99
N ALA B 246 -14.08 -20.64 25.67
CA ALA B 246 -13.70 -21.77 24.82
C ALA B 246 -12.23 -22.14 24.94
N VAL B 247 -11.37 -21.11 24.98
CA VAL B 247 -9.95 -21.33 25.08
C VAL B 247 -9.62 -22.11 26.35
N HIS B 248 -10.15 -21.66 27.48
CA HIS B 248 -9.85 -22.33 28.74
C HIS B 248 -10.45 -23.70 28.84
N GLU B 249 -11.68 -23.88 28.33
CA GLU B 249 -12.28 -25.20 28.33
C GLU B 249 -11.42 -26.19 27.53
N TYR B 250 -11.00 -25.76 26.35
CA TYR B 250 -10.19 -26.62 25.49
C TYR B 250 -8.83 -26.96 26.11
N ARG B 251 -8.15 -25.94 26.62
CA ARG B 251 -6.84 -26.17 27.27
C ARG B 251 -6.97 -27.08 28.48
N ASP B 252 -8.02 -26.93 29.29
CA ASP B 252 -8.21 -27.81 30.46
C ASP B 252 -8.46 -29.26 30.01
N ARG B 253 -9.28 -29.41 28.98
CA ARG B 253 -9.60 -30.74 28.47
C ARG B 253 -8.34 -31.48 28.01
N HIS B 254 -7.45 -30.77 27.32
CA HIS B 254 -6.25 -31.38 26.73
C HIS B 254 -4.98 -31.30 27.58
N GLY B 255 -5.08 -30.71 28.75
CA GLY B 255 -3.91 -30.56 29.61
C GLY B 255 -2.84 -29.65 29.05
N ILE B 256 -3.26 -28.57 28.38
CA ILE B 256 -2.35 -27.62 27.77
C ILE B 256 -2.05 -26.50 28.74
N SER B 257 -0.77 -26.34 29.05
CA SER B 257 -0.34 -25.31 29.98
C SER B 257 0.66 -24.34 29.35
N ASP B 258 0.79 -24.36 28.02
CA ASP B 258 1.68 -23.45 27.32
C ASP B 258 1.30 -22.00 27.62
N GLU B 259 2.30 -21.19 27.97
CA GLU B 259 2.09 -19.81 28.40
C GLU B 259 1.23 -19.01 27.41
N ILE B 260 0.21 -18.34 27.91
CA ILE B 260 -0.60 -17.43 27.12
C ILE B 260 0.04 -16.05 27.18
N VAL B 261 0.52 -15.56 26.02
CA VAL B 261 1.25 -14.31 25.89
C VAL B 261 0.36 -13.27 25.23
N GLU B 262 0.19 -12.13 25.89
CA GLU B 262 -0.67 -11.07 25.40
C GLU B 262 0.04 -10.22 24.33
N ILE B 263 -0.68 -9.88 23.28
CA ILE B 263 -0.15 -9.09 22.14
C ILE B 263 -0.55 -7.62 22.28
N ASP B 264 -1.84 -7.37 22.49
CA ASP B 264 -2.37 -6.03 22.61
C ASP B 264 -3.59 -6.06 23.53
N ARG B 265 -4.61 -5.22 23.30
CA ARG B 265 -5.79 -5.25 24.16
C ARG B 265 -6.84 -6.29 23.72
N GLN B 266 -6.59 -7.00 22.64
CA GLN B 266 -7.51 -8.02 22.11
C GLN B 266 -6.90 -9.42 22.10
N GLY B 267 -5.76 -9.56 21.45
CA GLY B 267 -5.20 -10.85 21.13
C GLY B 267 -4.15 -11.39 22.06
N VAL B 268 -4.09 -12.73 22.09
CA VAL B 268 -3.01 -13.47 22.78
C VAL B 268 -2.54 -14.61 21.86
N TYR B 269 -1.44 -15.25 22.25
CA TYR B 269 -1.03 -16.47 21.56
C TYR B 269 -0.30 -17.38 22.51
N TRP B 270 -0.19 -18.64 22.13
CA TRP B 270 0.79 -19.54 22.76
C TRP B 270 1.56 -20.32 21.71
N ARG B 271 2.72 -20.82 22.11
CA ARG B 271 3.51 -21.69 21.27
C ARG B 271 3.38 -23.12 21.80
N ARG B 272 3.02 -24.05 20.92
CA ARG B 272 2.74 -25.43 21.34
C ARG B 272 4.03 -26.13 21.72
N SER B 273 4.11 -26.62 22.95
CA SER B 273 5.31 -27.33 23.39
C SER B 273 5.24 -28.80 22.99
N ALA B 274 4.04 -29.37 23.06
CA ALA B 274 3.86 -30.80 22.83
C ALA B 274 3.17 -31.02 21.50
N SAH C . 3.86 14.50 -10.31
CA SAH C . 2.51 14.54 -9.69
CB SAH C . 1.51 15.35 -10.56
CG SAH C . 1.88 16.85 -10.66
SD SAH C . 0.50 17.83 -11.20
C SAH C . 2.04 13.13 -9.37
O SAH C . 2.90 12.27 -9.19
OXT SAH C . 0.82 12.94 -9.30
C5' SAH C . 1.21 19.46 -11.49
C4' SAH C . 1.89 20.05 -10.27
O4' SAH C . 2.68 21.21 -10.71
C3' SAH C . 0.98 20.56 -9.16
O3' SAH C . 1.30 19.98 -7.86
C2' SAH C . 1.14 22.07 -9.17
O2' SAH C . 1.00 22.75 -7.94
C1' SAH C . 2.54 22.24 -9.71
N9 SAH C . 2.89 23.46 -10.45
C8 SAH C . 2.36 23.77 -11.63
N7 SAH C . 2.96 24.88 -12.11
C5 SAH C . 3.92 25.24 -11.23
C6 SAH C . 4.95 26.27 -11.16
N6 SAH C . 5.10 27.20 -12.12
N1 SAH C . 5.76 26.28 -10.08
C2 SAH C . 5.64 25.39 -9.07
N3 SAH C . 4.72 24.40 -9.07
C4 SAH C . 3.88 24.29 -10.13
MG MG D . 1.49 15.31 -15.54
MG MG E . 6.30 32.22 -16.38
MG MG F . 2.24 41.96 -15.28
N ZM3 G . -13.91 20.94 -27.32
C1 ZM3 G . -4.75 19.57 -18.31
O1 ZM3 G . -4.22 19.39 -23.47
C2 ZM3 G . -5.09 20.31 -19.34
O2 ZM3 G . -10.12 20.23 -24.41
C3 ZM3 G . -4.65 20.08 -20.68
O3 ZM3 G . -12.59 21.50 -24.91
C4 ZM3 G . -5.18 20.73 -21.73
O4 ZM3 G . -10.67 18.57 -25.96
C5 ZM3 G . -4.98 20.30 -23.15
O5 ZM3 G . -7.60 17.72 -19.03
C6 ZM3 G . -5.84 21.04 -24.17
O6 ZM3 G . -7.53 19.61 -17.79
C7 ZM3 G . -5.34 22.47 -24.29
O7 ZM3 G . -4.20 18.04 -15.68
C8 ZM3 G . -7.36 20.99 -23.88
O8 ZM3 G . -2.52 17.35 -13.54
C9 ZM3 G . -7.91 19.58 -23.69
O9 ZM3 G . -0.18 16.58 -14.79
C10 ZM3 G . -7.54 18.68 -24.86
O10 ZM3 G . -0.15 14.49 -16.54
C11 ZM3 G . -9.42 19.51 -23.38
O11 ZM3 G . -2.92 16.84 -17.12
C12 ZM3 G . -11.18 19.55 -25.07
C13 ZM3 G . -12.00 20.59 -25.83
C14 ZM3 G . -13.10 19.90 -26.63
C15 ZM3 G . -13.30 21.46 -28.55
C16 ZM3 G . -15.32 20.58 -27.50
C17 ZM3 G . -12.51 18.76 -27.49
C18 ZM3 G . -11.70 17.82 -26.63
C19 ZM3 G . -11.02 16.71 -27.38
C20 ZM3 G . -9.82 19.99 -21.98
C21 ZM3 G . -11.32 19.93 -21.67
C22 ZM3 G . -9.08 19.22 -20.95
C23 ZM3 G . -8.61 19.72 -19.83
C24 ZM3 G . -7.89 18.89 -18.87
C25 ZM3 G . -6.62 19.04 -16.80
C26 ZM3 G . -7.30 19.17 -15.45
C27 ZM3 G . -8.76 18.72 -15.45
C28 ZM3 G . -5.29 19.79 -16.92
C29 ZM3 G . -4.30 19.46 -15.81
C30 ZM3 G . -2.92 17.54 -15.89
C31 ZM3 G . -2.64 16.61 -14.74
C32 ZM3 G . -2.92 16.63 -12.35
C33 ZM3 G . -1.37 15.80 -14.95
C35 ZM3 G . -1.39 15.14 -16.32
C36 ZM3 G . -1.65 16.19 -17.39
C37 ZM3 G . -1.75 15.62 -18.78
S DMS H . -10.33 27.33 -9.57
O DMS H . -10.18 26.46 -10.74
C1 DMS H . -10.08 26.35 -8.24
C2 DMS H . -9.05 28.45 -9.38
N SAH I . -9.07 -11.79 10.55
CA SAH I . -9.93 -10.70 9.98
CB SAH I . -11.12 -10.40 10.91
CG SAH I . -12.12 -11.56 11.04
SD SAH I . -13.68 -10.98 11.68
C SAH I . -9.07 -9.51 9.64
O SAH I . -7.87 -9.73 9.34
OXT SAH I . -9.59 -8.37 9.66
C5' SAH I . -14.56 -12.52 12.00
C4' SAH I . -14.73 -13.39 10.76
O4' SAH I . -15.21 -14.70 11.20
C3' SAH I . -15.74 -12.92 9.72
O3' SAH I . -15.13 -12.80 8.41
C2' SAH I . -16.88 -13.91 9.79
O2' SAH I . -17.56 -14.16 8.56
C1' SAH I . -16.20 -15.17 10.26
N9 SAH I . -16.96 -16.17 11.02
C8 SAH I . -17.45 -15.93 12.23
N7 SAH I . -18.02 -17.08 12.70
C5 SAH I . -17.82 -18.05 11.77
C6 SAH I . -18.12 -19.47 11.65
N6 SAH I . -18.77 -20.13 12.64
N1 SAH I . -17.72 -20.12 10.54
C2 SAH I . -17.08 -19.48 9.51
N3 SAH I . -16.78 -18.16 9.55
C4 SAH I . -17.13 -17.44 10.65
MG MG J . -10.76 -10.47 15.88
MG MG K . -21.93 -24.10 17.03
N ZM3 L . -22.00 -0.81 29.06
C1 ZM3 L . -17.63 -7.83 19.09
O1 ZM3 L . -16.63 -8.36 24.15
C2 ZM3 L . -18.35 -8.05 20.21
O2 ZM3 L . -20.14 -3.85 25.73
C3 ZM3 L . -17.79 -8.35 21.48
O3 ZM3 L . -22.19 -2.15 26.48
C4 ZM3 L . -18.49 -8.32 22.61
O4 ZM3 L . -18.74 -2.90 27.33
C5 ZM3 L . -17.83 -8.24 23.95
O5 ZM3 L . -17.41 -4.60 19.93
C6 ZM3 L . -18.77 -7.94 25.13
O6 ZM3 L . -19.15 -5.53 18.84
C7 ZM3 L . -19.78 -9.07 25.25
O7 ZM3 L . -16.27 -7.34 16.37
C8 ZM3 L . -19.48 -6.58 24.98
O8 ZM3 L . -14.79 -8.27 14.10
C9 ZM3 L . -18.55 -5.38 24.75
O9 ZM3 L . -12.85 -9.82 15.26
C10 ZM3 L . -17.51 -5.28 25.87
O10 ZM3 L . -10.98 -8.67 16.92
C11 ZM3 L . -19.29 -4.06 24.58
O11 ZM3 L . -14.46 -7.77 17.70
C12 ZM3 L . -19.88 -2.71 26.51
C13 ZM3 L . -21.10 -2.42 27.35
C14 ZM3 L . -20.83 -1.20 28.25
C15 ZM3 L . -22.48 -1.87 29.96
C16 ZM3 L . -21.80 0.45 29.78
C17 ZM3 L . -19.52 -1.38 29.04
C18 ZM3 L . -18.39 -1.72 28.09
C19 ZM3 L . -17.10 -2.02 28.80
C20 ZM3 L . -20.09 -3.93 23.27
C21 ZM3 L . -20.80 -2.58 23.11
C22 ZM3 L . -19.19 -4.15 22.10
C23 ZM3 L . -19.53 -4.75 20.98
C24 ZM3 L . -18.57 -4.92 19.89
C25 ZM3 L . -18.31 -5.93 17.70
C26 ZM3 L . -18.93 -5.35 16.44
C27 ZM3 L . -19.34 -3.88 16.58
C28 ZM3 L . -18.24 -7.46 17.77
C29 ZM3 L . -17.50 -8.05 16.57
C30 ZM3 L . -15.11 -8.13 16.49
C31 ZM3 L . -14.22 -7.79 15.31
C32 ZM3 L . -14.45 -7.53 12.93
C33 ZM3 L . -12.83 -8.39 15.43
C35 ZM3 L . -12.23 -8.05 16.78
C36 ZM3 L . -13.21 -8.45 17.90
C37 ZM3 L . -12.73 -8.05 19.28
S DMS M . 14.00 -16.78 7.71
O DMS M . 14.41 -16.98 9.12
C1 DMS M . 14.14 -18.25 6.85
C2 DMS M . 12.31 -16.52 7.67
#